data_4B8L
#
_entry.id   4B8L
#
_cell.length_a   60.896
_cell.length_b   66.314
_cell.length_c   89.562
_cell.angle_alpha   90.00
_cell.angle_beta   90.00
_cell.angle_gamma   90.00
#
_symmetry.space_group_name_H-M   'P 21 21 21'
#
loop_
_entity.id
_entity.type
_entity.pdbx_description
1 polymer 'AURORA KINASE B-A'
2 polymer 'INNER CENTROMERE PROTEIN A'
3 non-polymer 9-{5-O-[(R)-hydroxy{[(R)-hydroxy(phosphonoamino)phosphoryl]oxy}phosphoryl]-alpha-L-arabinofuranosyl}-9H-purin-6-amine
#
loop_
_entity_poly.entity_id
_entity_poly.type
_entity_poly.pdbx_seq_one_letter_code
_entity_poly.pdbx_strand_id
1 'polypeptide(L)'
;ATALAEMPKRKFTIDDFDIGRPLGKGKFGNVYLAREKQNKFIMALKVLFKSQLEKEGVEHQLRREIEIQSHLRHPNILRM
YNYFHDRKRIYLMLEFAPRGELYKELQKHGRFDEQRSATFMEELADALHYCHERKVIHRDIKPENLLMGYKGELKIADFG
WSVHAPSLRRRTMCGTLDYLPPEMIEGKTHDEKVDLWCAGVLCYEFLVGMPPFDSPSHTETHRRIVNVDLKFPPFLSDGS
KDLISKLLRYHPPQRLPLKGVMEHPWVKANSRRVLPGVYQSTQSKD
;
A
2 'polypeptide(L)' PIPAWASGNLLTQAIRQQYYKPIDVDRMYGTIDSPKLEELFNKS D
#
# COMPACT_ATOMS: atom_id res chain seq x y z
N LYS A 11 11.76 9.48 23.47
CA LYS A 11 10.46 9.33 22.76
C LYS A 11 10.05 10.67 22.14
N PHE A 12 9.25 10.62 21.09
CA PHE A 12 8.90 11.83 20.33
C PHE A 12 7.63 12.52 20.83
N THR A 13 7.53 13.81 20.51
CA THR A 13 6.31 14.57 20.72
C THR A 13 6.01 15.35 19.45
N ILE A 14 4.89 16.06 19.42
CA ILE A 14 4.53 16.86 18.26
C ILE A 14 5.46 18.06 18.10
N ASP A 15 6.13 18.44 19.19
CA ASP A 15 7.03 19.58 19.17
C ASP A 15 8.33 19.28 18.44
N ASP A 16 8.60 17.99 18.24
CA ASP A 16 9.82 17.57 17.55
C ASP A 16 9.70 17.81 16.06
N PHE A 17 8.51 18.19 15.61
CA PHE A 17 8.21 18.25 14.19
C PHE A 17 7.72 19.63 13.75
N ASP A 18 8.01 19.97 12.50
CA ASP A 18 7.49 21.18 11.87
C ASP A 18 6.36 20.79 10.91
N ILE A 19 5.12 21.11 11.30
CA ILE A 19 3.98 20.85 10.45
C ILE A 19 3.97 21.84 9.29
N GLY A 20 4.06 21.32 8.07
CA GLY A 20 4.09 22.16 6.88
C GLY A 20 2.72 22.34 6.25
N ARG A 21 2.03 21.22 6.01
CA ARG A 21 0.69 21.26 5.44
C ARG A 21 0.08 19.86 5.41
N PRO A 22 -1.26 19.79 5.27
CA PRO A 22 -1.95 18.50 5.25
C PRO A 22 -1.81 17.78 3.91
N LEU A 23 -2.14 16.48 3.91
CA LEU A 23 -2.05 15.69 2.69
C LEU A 23 -3.38 14.99 2.37
N GLY A 24 -4.32 15.04 3.31
CA GLY A 24 -5.65 14.49 3.08
C GLY A 24 -6.17 13.67 4.24
N LYS A 25 -7.49 13.70 4.42
CA LYS A 25 -8.15 13.00 5.53
C LYS A 25 -8.20 11.49 5.30
N GLY A 26 -8.49 10.76 6.37
CA GLY A 26 -8.62 9.30 6.31
C GLY A 26 -9.69 8.81 7.26
N LYS A 27 -9.71 7.50 7.50
CA LYS A 27 -10.71 6.91 8.37
C LYS A 27 -10.67 7.44 9.80
N PHE A 28 -9.47 7.71 10.30
CA PHE A 28 -9.31 8.00 11.73
C PHE A 28 -8.61 9.32 12.03
N GLY A 29 -8.15 10.02 11.01
CA GLY A 29 -7.52 11.33 11.21
C GLY A 29 -6.78 11.86 10.00
N ASN A 30 -6.14 13.02 10.17
CA ASN A 30 -5.46 13.68 9.08
C ASN A 30 -3.99 13.31 8.95
N VAL A 31 -3.50 13.33 7.71
CA VAL A 31 -2.10 13.09 7.42
C VAL A 31 -1.45 14.41 7.08
N TYR A 32 -0.38 14.76 7.80
CA TYR A 32 0.30 16.03 7.58
C TYR A 32 1.71 15.87 7.04
N LEU A 33 2.12 16.80 6.19
CA LEU A 33 3.51 16.89 5.75
C LEU A 33 4.31 17.48 6.89
N ALA A 34 5.27 16.72 7.39
CA ALA A 34 6.02 17.13 8.57
C ALA A 34 7.52 17.09 8.34
N ARG A 35 8.25 17.79 9.19
CA ARG A 35 9.70 17.76 9.14
C ARG A 35 10.27 17.80 10.55
N GLU A 36 10.79 16.67 11.01
CA GLU A 36 11.44 16.60 12.30
C GLU A 36 12.65 17.55 12.31
N LYS A 37 12.71 18.40 13.35
CA LYS A 37 13.66 19.50 13.38
C LYS A 37 15.13 19.10 13.54
N GLN A 38 15.37 17.94 14.17
CA GLN A 38 16.72 17.46 14.43
C GLN A 38 17.53 17.27 13.14
N ASN A 39 17.04 16.43 12.23
CA ASN A 39 17.70 16.21 10.96
C ASN A 39 17.20 17.16 9.88
N LYS A 40 16.10 17.86 10.17
CA LYS A 40 15.36 18.59 9.15
C LYS A 40 14.89 17.61 8.08
N PHE A 41 14.47 16.43 8.55
CA PHE A 41 14.11 15.31 7.70
C PHE A 41 12.59 15.28 7.46
N ILE A 42 12.21 15.23 6.19
CA ILE A 42 10.79 15.25 5.82
C ILE A 42 10.14 13.87 5.93
N MET A 43 8.88 13.87 6.37
CA MET A 43 8.09 12.64 6.47
C MET A 43 6.60 12.97 6.50
N ALA A 44 5.77 11.95 6.70
CA ALA A 44 4.34 12.15 6.81
C ALA A 44 3.85 11.76 8.20
N LEU A 45 3.15 12.68 8.85
CA LEU A 45 2.54 12.42 10.15
C LEU A 45 1.09 12.01 10.02
N LYS A 46 0.80 10.74 10.30
CA LYS A 46 -0.58 10.28 10.36
C LYS A 46 -1.09 10.46 11.78
N VAL A 47 -2.10 11.32 11.93
CA VAL A 47 -2.63 11.66 13.24
C VAL A 47 -3.96 10.98 13.47
N LEU A 48 -3.97 10.00 14.39
CA LEU A 48 -5.19 9.26 14.68
C LEU A 48 -5.82 9.74 15.99
N PHE A 49 -7.13 9.62 16.10
CA PHE A 49 -7.82 10.02 17.32
C PHE A 49 -8.28 8.82 18.14
N LYS A 50 -7.85 8.78 19.41
CA LYS A 50 -8.16 7.67 20.30
C LYS A 50 -9.66 7.47 20.46
N SER A 51 -10.39 8.57 20.59
CA SER A 51 -11.83 8.53 20.76
C SER A 51 -12.51 7.64 19.72
N GLN A 52 -12.32 7.95 18.45
CA GLN A 52 -12.92 7.17 17.37
C GLN A 52 -12.28 5.79 17.22
N LEU A 53 -10.97 5.71 17.39
CA LEU A 53 -10.27 4.42 17.37
C LEU A 53 -10.96 3.44 18.31
N GLU A 54 -11.41 3.95 19.45
CA GLU A 54 -12.09 3.13 20.45
C GLU A 54 -13.55 2.91 20.07
N LYS A 55 -14.22 3.98 19.64
CA LYS A 55 -15.65 3.93 19.35
C LYS A 55 -15.97 3.10 18.12
N GLU A 56 -14.95 2.47 17.54
CA GLU A 56 -15.16 1.61 16.37
C GLU A 56 -14.43 0.27 16.48
N GLY A 57 -13.86 0.01 17.66
CA GLY A 57 -13.24 -1.28 17.96
C GLY A 57 -12.02 -1.59 17.13
N VAL A 58 -11.61 -0.65 16.28
CA VAL A 58 -10.46 -0.83 15.42
C VAL A 58 -9.15 -0.74 16.22
N GLU A 59 -9.29 -0.84 17.54
CA GLU A 59 -8.15 -0.79 18.45
C GLU A 59 -7.23 -1.99 18.29
N HIS A 60 -7.81 -3.16 18.00
CA HIS A 60 -7.06 -4.40 17.85
C HIS A 60 -6.10 -4.37 16.65
N GLN A 61 -6.60 -3.94 15.50
CA GLN A 61 -5.79 -3.90 14.27
C GLN A 61 -4.60 -2.95 14.40
N LEU A 62 -4.87 -1.74 14.87
CA LEU A 62 -3.84 -0.72 15.04
C LEU A 62 -2.63 -1.29 15.79
N ARG A 63 -2.91 -2.14 16.77
CA ARG A 63 -1.87 -2.83 17.53
C ARG A 63 -0.96 -3.65 16.62
N ARG A 64 -1.57 -4.32 15.65
CA ARG A 64 -0.84 -5.21 14.75
C ARG A 64 -0.07 -4.44 13.68
N GLU A 65 -0.71 -3.42 13.10
CA GLU A 65 -0.09 -2.63 12.04
C GLU A 65 1.18 -1.91 12.49
N ILE A 66 1.35 -1.80 13.79
CA ILE A 66 2.54 -1.15 14.35
C ILE A 66 3.65 -2.17 14.62
N GLU A 67 3.27 -3.29 15.22
CA GLU A 67 4.22 -4.36 15.50
C GLU A 67 4.81 -4.86 14.19
N ILE A 68 3.99 -4.89 13.15
CA ILE A 68 4.42 -5.26 11.80
C ILE A 68 5.57 -4.38 11.32
N GLN A 69 5.35 -3.07 11.31
CA GLN A 69 6.35 -2.12 10.81
C GLN A 69 7.48 -1.86 11.81
N SER A 70 7.47 -2.59 12.93
CA SER A 70 8.62 -2.64 13.82
C SER A 70 9.55 -3.72 13.31
N HIS A 71 9.06 -4.51 12.37
CA HIS A 71 9.81 -5.65 11.84
C HIS A 71 10.01 -5.55 10.33
N LEU A 72 9.02 -5.02 9.63
CA LEU A 72 9.06 -4.94 8.17
C LEU A 72 9.84 -3.76 7.60
N ARG A 73 10.85 -4.07 6.80
CA ARG A 73 11.64 -3.06 6.12
C ARG A 73 11.86 -3.48 4.68
N HIS A 74 11.24 -2.75 3.75
CA HIS A 74 11.31 -3.08 2.34
C HIS A 74 11.10 -1.81 1.52
N PRO A 75 11.94 -1.63 0.47
CA PRO A 75 11.89 -0.44 -0.37
C PRO A 75 10.53 -0.23 -1.03
N ASN A 76 9.70 -1.27 -1.03
CA ASN A 76 8.38 -1.21 -1.66
C ASN A 76 7.22 -1.29 -0.67
N ILE A 77 7.56 -1.22 0.61
CA ILE A 77 6.57 -1.15 1.67
C ILE A 77 6.74 0.19 2.39
N LEU A 78 5.65 0.93 2.54
CA LEU A 78 5.72 2.22 3.22
C LEU A 78 6.28 2.06 4.62
N ARG A 79 7.25 2.90 4.96
CA ARG A 79 8.01 2.74 6.19
C ARG A 79 7.42 3.55 7.32
N MET A 80 7.24 2.92 8.48
CA MET A 80 6.88 3.66 9.68
C MET A 80 8.11 3.83 10.55
N TYR A 81 8.67 5.04 10.55
CA TYR A 81 9.88 5.32 11.29
C TYR A 81 9.68 5.15 12.79
N ASN A 82 8.53 5.60 13.29
CA ASN A 82 8.20 5.47 14.70
C ASN A 82 6.78 5.95 14.99
N TYR A 83 6.52 6.34 16.24
CA TYR A 83 5.19 6.78 16.66
C TYR A 83 5.18 7.27 18.10
N PHE A 84 4.21 8.13 18.42
CA PHE A 84 4.03 8.60 19.79
C PHE A 84 2.56 8.87 20.07
N HIS A 85 2.25 9.49 21.21
CA HIS A 85 0.86 9.71 21.60
C HIS A 85 0.66 10.65 22.77
N ASP A 86 -0.04 11.75 22.52
CA ASP A 86 -0.42 12.70 23.57
C ASP A 86 -1.72 12.23 24.21
N ARG A 87 -2.43 13.16 24.84
CA ARG A 87 -3.71 12.84 25.47
C ARG A 87 -4.72 12.31 24.46
N LYS A 88 -4.81 12.96 23.31
CA LYS A 88 -5.91 12.71 22.38
C LYS A 88 -5.58 11.89 21.13
N ARG A 89 -4.29 11.79 20.77
CA ARG A 89 -3.93 11.16 19.51
C ARG A 89 -2.84 10.10 19.60
N ILE A 90 -2.75 9.31 18.54
CA ILE A 90 -1.58 8.50 18.26
C ILE A 90 -0.98 9.12 17.01
N TYR A 91 0.32 9.39 17.02
CA TYR A 91 0.98 9.96 15.85
C TYR A 91 1.87 8.94 15.18
N LEU A 92 1.58 8.65 13.91
CA LEU A 92 2.40 7.70 13.17
C LEU A 92 3.41 8.41 12.31
N MET A 93 4.68 8.13 12.55
CA MET A 93 5.75 8.68 11.74
C MET A 93 5.96 7.79 10.53
N LEU A 94 5.44 8.24 9.39
CA LEU A 94 5.45 7.44 8.18
C LEU A 94 6.35 8.03 7.10
N GLU A 95 6.94 7.16 6.31
CA GLU A 95 7.75 7.56 5.16
C GLU A 95 6.89 8.40 4.22
N PHE A 96 7.44 9.52 3.75
CA PHE A 96 6.71 10.39 2.83
C PHE A 96 6.68 9.79 1.42
N ALA A 97 5.47 9.69 0.86
CA ALA A 97 5.30 9.23 -0.52
C ALA A 97 5.05 10.43 -1.43
N PRO A 98 6.12 10.88 -2.11
CA PRO A 98 6.13 12.15 -2.82
C PRO A 98 5.11 12.23 -3.94
N ARG A 99 4.82 11.10 -4.57
CA ARG A 99 3.93 11.10 -5.74
C ARG A 99 2.49 10.72 -5.38
N GLY A 100 2.12 10.94 -4.12
CA GLY A 100 0.75 10.73 -3.67
C GLY A 100 0.31 9.29 -3.84
N GLU A 101 -1.00 9.08 -3.88
CA GLU A 101 -1.53 7.73 -3.98
C GLU A 101 -1.83 7.30 -5.41
N LEU A 102 -1.88 6.00 -5.62
CA LEU A 102 -1.94 5.42 -6.95
C LEU A 102 -3.34 5.47 -7.54
N TYR A 103 -4.35 5.33 -6.69
CA TYR A 103 -5.73 5.34 -7.15
C TYR A 103 -6.06 6.61 -7.93
N LYS A 104 -5.53 7.75 -7.49
CA LYS A 104 -5.79 9.02 -8.16
C LYS A 104 -5.05 9.11 -9.51
N GLU A 105 -3.91 8.44 -9.59
CA GLU A 105 -3.16 8.35 -10.84
C GLU A 105 -3.95 7.54 -11.84
N LEU A 106 -4.58 6.47 -11.33
CA LEU A 106 -5.43 5.62 -12.13
C LEU A 106 -6.71 6.35 -12.54
N GLN A 107 -7.20 7.22 -11.66
CA GLN A 107 -8.34 8.07 -12.01
C GLN A 107 -7.98 9.05 -13.11
N LYS A 108 -6.86 9.74 -12.93
CA LYS A 108 -6.36 10.64 -13.95
C LYS A 108 -6.27 9.93 -15.29
N HIS A 109 -5.31 9.00 -15.40
CA HIS A 109 -5.00 8.37 -16.66
C HIS A 109 -6.08 7.40 -17.16
N GLY A 110 -7.08 7.13 -16.33
CA GLY A 110 -8.11 6.16 -16.67
C GLY A 110 -7.58 4.75 -16.56
N ARG A 111 -6.43 4.50 -17.19
CA ARG A 111 -5.74 3.24 -17.09
C ARG A 111 -4.26 3.43 -17.40
N PHE A 112 -3.43 2.48 -16.98
CA PHE A 112 -1.99 2.57 -17.21
C PHE A 112 -1.59 1.73 -18.42
N ASP A 113 -0.47 2.09 -19.05
CA ASP A 113 0.05 1.33 -20.18
C ASP A 113 0.77 0.07 -19.70
N GLU A 114 1.11 -0.81 -20.64
CA GLU A 114 1.65 -2.13 -20.30
C GLU A 114 2.91 -2.08 -19.44
N GLN A 115 3.83 -1.18 -19.77
CA GLN A 115 5.11 -1.10 -19.06
C GLN A 115 4.98 -0.49 -17.66
N ARG A 116 4.00 0.40 -17.49
CA ARG A 116 3.71 1.00 -16.19
C ARG A 116 3.18 -0.05 -15.23
N SER A 117 2.20 -0.82 -15.70
CA SER A 117 1.57 -1.85 -14.89
C SER A 117 2.53 -3.00 -14.59
N ALA A 118 3.31 -3.39 -15.60
CA ALA A 118 4.27 -4.47 -15.46
C ALA A 118 5.31 -4.13 -14.40
N THR A 119 5.69 -2.86 -14.32
CA THR A 119 6.62 -2.41 -13.30
C THR A 119 5.96 -2.54 -11.93
N PHE A 120 4.74 -2.02 -11.82
CA PHE A 120 3.97 -2.10 -10.58
C PHE A 120 3.83 -3.54 -10.09
N MET A 121 3.64 -4.47 -11.02
CA MET A 121 3.46 -5.88 -10.68
C MET A 121 4.72 -6.53 -10.13
N GLU A 122 5.88 -6.15 -10.65
CA GLU A 122 7.13 -6.73 -10.18
C GLU A 122 7.45 -6.21 -8.79
N GLU A 123 7.17 -4.92 -8.57
CA GLU A 123 7.41 -4.32 -7.27
C GLU A 123 6.42 -4.84 -6.24
N LEU A 124 5.21 -5.15 -6.70
CA LEU A 124 4.19 -5.68 -5.82
C LEU A 124 4.50 -7.13 -5.46
N ALA A 125 4.67 -7.97 -6.47
CA ALA A 125 5.03 -9.36 -6.27
C ALA A 125 6.24 -9.46 -5.35
N ASP A 126 7.21 -8.58 -5.59
CA ASP A 126 8.43 -8.54 -4.80
C ASP A 126 8.11 -8.32 -3.33
N ALA A 127 7.48 -7.18 -3.03
CA ALA A 127 7.19 -6.81 -1.64
C ALA A 127 6.28 -7.82 -0.97
N LEU A 128 5.34 -8.39 -1.71
CA LEU A 128 4.45 -9.41 -1.16
C LEU A 128 5.22 -10.63 -0.72
N HIS A 129 6.16 -11.07 -1.56
CA HIS A 129 7.00 -12.22 -1.22
C HIS A 129 7.71 -12.00 0.11
N TYR A 130 8.36 -10.85 0.21
CA TYR A 130 9.04 -10.44 1.44
C TYR A 130 8.12 -10.61 2.65
N CYS A 131 6.88 -10.14 2.52
CA CYS A 131 5.89 -10.26 3.60
C CYS A 131 5.58 -11.71 3.94
N HIS A 132 5.46 -12.54 2.92
CA HIS A 132 5.10 -13.94 3.10
C HIS A 132 6.16 -14.73 3.86
N GLU A 133 7.42 -14.49 3.52
CA GLU A 133 8.55 -15.11 4.21
C GLU A 133 8.48 -14.85 5.71
N ARG A 134 8.03 -13.67 6.08
CA ARG A 134 7.93 -13.28 7.48
C ARG A 134 6.59 -13.69 8.08
N LYS A 135 5.87 -14.56 7.39
CA LYS A 135 4.56 -15.02 7.84
C LYS A 135 3.55 -13.89 8.01
N VAL A 136 3.50 -12.99 7.02
CA VAL A 136 2.56 -11.87 7.05
C VAL A 136 1.74 -11.85 5.78
N ILE A 137 0.42 -11.86 5.92
CA ILE A 137 -0.49 -11.74 4.80
C ILE A 137 -1.09 -10.33 4.78
N HIS A 138 -1.30 -9.78 3.60
CA HIS A 138 -1.90 -8.45 3.48
C HIS A 138 -3.41 -8.51 3.34
N ARG A 139 -3.90 -9.40 2.48
CA ARG A 139 -5.33 -9.68 2.36
C ARG A 139 -6.11 -8.66 1.52
N ASP A 140 -5.73 -7.39 1.59
CA ASP A 140 -6.50 -6.34 0.93
C ASP A 140 -5.64 -5.39 0.12
N ILE A 141 -5.31 -5.78 -1.11
CA ILE A 141 -4.44 -4.98 -1.94
C ILE A 141 -5.18 -4.38 -3.13
N LYS A 142 -5.54 -3.10 -3.00
CA LYS A 142 -6.16 -2.36 -4.08
C LYS A 142 -5.50 -1.00 -4.23
N PRO A 143 -5.74 -0.31 -5.34
CA PRO A 143 -5.03 0.94 -5.63
C PRO A 143 -5.04 1.90 -4.44
N GLU A 144 -6.16 1.97 -3.74
CA GLU A 144 -6.33 2.91 -2.63
C GLU A 144 -5.33 2.68 -1.51
N ASN A 145 -4.70 1.51 -1.51
CA ASN A 145 -3.76 1.13 -0.47
C ASN A 145 -2.33 1.17 -0.99
N LEU A 146 -2.11 1.96 -2.04
CA LEU A 146 -0.82 2.00 -2.71
C LEU A 146 -0.37 3.43 -2.96
N LEU A 147 0.82 3.75 -2.48
CA LEU A 147 1.41 5.07 -2.70
C LEU A 147 2.58 4.98 -3.68
N MET A 148 3.14 6.12 -4.05
CA MET A 148 4.22 6.15 -5.04
C MET A 148 5.43 6.94 -4.57
N GLY A 149 6.61 6.39 -4.83
CA GLY A 149 7.86 7.03 -4.45
C GLY A 149 8.23 8.22 -5.30
N TYR A 150 9.45 8.73 -5.09
CA TYR A 150 9.96 9.90 -5.81
C TYR A 150 10.09 9.65 -7.31
N LYS A 151 10.48 8.44 -7.69
CA LYS A 151 10.54 8.10 -9.11
C LYS A 151 9.39 7.18 -9.49
N GLY A 152 8.37 7.15 -8.63
CA GLY A 152 7.14 6.43 -8.95
C GLY A 152 7.08 4.99 -8.49
N GLU A 153 8.14 4.50 -7.84
CA GLU A 153 8.13 3.11 -7.36
C GLU A 153 6.96 2.84 -6.42
N LEU A 154 6.40 1.64 -6.50
CA LEU A 154 5.19 1.28 -5.76
C LEU A 154 5.43 1.12 -4.26
N LYS A 155 4.43 1.48 -3.45
CA LYS A 155 4.54 1.42 -1.99
C LYS A 155 3.26 0.87 -1.36
N ILE A 156 3.31 -0.35 -0.84
CA ILE A 156 2.19 -0.88 -0.07
C ILE A 156 2.03 -0.04 1.19
N ALA A 157 0.91 0.68 1.26
CA ALA A 157 0.71 1.65 2.32
C ALA A 157 0.23 1.02 3.63
N ASP A 158 -1.08 1.00 3.82
CA ASP A 158 -1.69 0.54 5.06
C ASP A 158 -1.96 -0.97 5.06
N PHE A 159 -1.75 -1.59 6.21
CA PHE A 159 -1.89 -3.04 6.34
C PHE A 159 -3.14 -3.42 7.14
N THR A 176 -12.80 -5.46 -0.02
CA THR A 176 -13.94 -4.90 -0.73
C THR A 176 -14.45 -5.88 -1.78
N LEU A 177 -15.77 -5.90 -1.94
CA LEU A 177 -16.46 -6.87 -2.78
C LEU A 177 -15.64 -7.35 -3.98
N ASP A 178 -15.35 -6.43 -4.90
CA ASP A 178 -14.65 -6.74 -6.14
C ASP A 178 -13.31 -7.46 -5.95
N TYR A 179 -12.66 -7.22 -4.82
CA TYR A 179 -11.31 -7.73 -4.60
C TYR A 179 -11.22 -9.01 -3.77
N LEU A 180 -12.36 -9.60 -3.45
CA LEU A 180 -12.39 -10.81 -2.64
C LEU A 180 -12.23 -12.07 -3.49
N PRO A 181 -11.25 -12.93 -3.14
CA PRO A 181 -11.13 -14.24 -3.76
C PRO A 181 -12.31 -15.14 -3.42
N PRO A 182 -12.53 -16.19 -4.22
CA PRO A 182 -13.68 -17.07 -4.02
C PRO A 182 -13.78 -17.59 -2.59
N GLU A 183 -12.68 -18.13 -2.07
CA GLU A 183 -12.69 -18.70 -0.73
C GLU A 183 -13.10 -17.67 0.32
N MET A 184 -12.66 -16.43 0.15
CA MET A 184 -13.04 -15.36 1.08
C MET A 184 -14.54 -15.13 1.02
N ILE A 185 -15.09 -15.12 -0.20
CA ILE A 185 -16.52 -14.96 -0.40
C ILE A 185 -17.27 -16.16 0.15
N GLU A 186 -16.83 -17.36 -0.23
CA GLU A 186 -17.51 -18.59 0.13
C GLU A 186 -17.46 -18.92 1.63
N GLY A 187 -16.57 -18.23 2.36
CA GLY A 187 -16.48 -18.44 3.80
C GLY A 187 -15.62 -19.63 4.19
N LYS A 188 -14.61 -19.93 3.37
CA LYS A 188 -13.64 -20.97 3.70
C LYS A 188 -12.42 -20.33 4.35
N THR A 189 -11.60 -21.14 5.03
CA THR A 189 -10.33 -20.64 5.56
C THR A 189 -9.41 -20.30 4.40
N HIS A 190 -8.52 -19.33 4.61
CA HIS A 190 -7.65 -18.87 3.52
C HIS A 190 -6.20 -18.79 3.97
N ASP A 191 -5.29 -18.93 3.00
CA ASP A 191 -3.87 -18.79 3.26
C ASP A 191 -3.29 -17.59 2.53
N GLU A 192 -1.97 -17.52 2.45
CA GLU A 192 -1.26 -16.44 1.77
C GLU A 192 -1.71 -16.22 0.33
N LYS A 193 -2.36 -17.22 -0.26
CA LYS A 193 -2.67 -17.20 -1.69
C LYS A 193 -3.79 -16.23 -2.08
N VAL A 194 -4.43 -15.62 -1.10
CA VAL A 194 -5.44 -14.61 -1.38
C VAL A 194 -4.76 -13.40 -2.03
N ASP A 195 -3.51 -13.17 -1.63
CA ASP A 195 -2.75 -12.05 -2.16
C ASP A 195 -2.39 -12.27 -3.63
N LEU A 196 -2.25 -13.54 -4.03
CA LEU A 196 -2.00 -13.88 -5.43
C LEU A 196 -3.23 -13.56 -6.26
N TRP A 197 -4.38 -13.98 -5.77
CA TRP A 197 -5.64 -13.64 -6.40
C TRP A 197 -5.75 -12.12 -6.54
N CYS A 198 -5.66 -11.41 -5.42
CA CYS A 198 -5.79 -9.97 -5.40
C CYS A 198 -4.86 -9.29 -6.39
N ALA A 199 -3.62 -9.78 -6.47
CA ALA A 199 -2.62 -9.26 -7.40
C ALA A 199 -3.14 -9.29 -8.84
N GLY A 200 -3.80 -10.39 -9.20
CA GLY A 200 -4.40 -10.51 -10.53
C GLY A 200 -5.50 -9.48 -10.75
N VAL A 201 -6.41 -9.39 -9.79
CA VAL A 201 -7.50 -8.40 -9.84
C VAL A 201 -6.89 -7.03 -10.04
N LEU A 202 -5.86 -6.72 -9.27
CA LEU A 202 -5.20 -5.43 -9.34
C LEU A 202 -4.62 -5.19 -10.74
N CYS A 203 -3.89 -6.18 -11.25
CA CYS A 203 -3.26 -6.07 -12.55
C CYS A 203 -4.29 -5.73 -13.61
N TYR A 204 -5.42 -6.43 -13.57
CA TYR A 204 -6.51 -6.23 -14.50
C TYR A 204 -6.98 -4.78 -14.47
N GLU A 205 -7.27 -4.27 -13.28
CA GLU A 205 -7.77 -2.91 -13.14
C GLU A 205 -6.76 -1.90 -13.69
N PHE A 206 -5.47 -2.18 -13.51
CA PHE A 206 -4.42 -1.30 -14.02
C PHE A 206 -4.57 -1.08 -15.51
N LEU A 207 -4.80 -2.17 -16.25
CA LEU A 207 -4.79 -2.13 -17.71
C LEU A 207 -6.14 -1.76 -18.29
N VAL A 208 -7.20 -2.16 -17.60
CA VAL A 208 -8.56 -1.95 -18.10
C VAL A 208 -9.18 -0.68 -17.51
N GLY A 209 -9.00 -0.47 -16.21
CA GLY A 209 -9.55 0.70 -15.55
C GLY A 209 -10.65 0.31 -14.59
N MET A 210 -11.34 -0.78 -14.89
CA MET A 210 -12.35 -1.34 -14.02
C MET A 210 -11.87 -2.67 -13.44
N PRO A 211 -12.38 -3.05 -12.25
CA PRO A 211 -12.11 -4.38 -11.72
C PRO A 211 -12.80 -5.47 -12.56
N PRO A 212 -12.18 -6.66 -12.64
CA PRO A 212 -12.57 -7.73 -13.57
C PRO A 212 -13.97 -8.30 -13.39
N PHE A 213 -14.55 -8.18 -12.20
CA PHE A 213 -15.84 -8.80 -11.92
C PHE A 213 -16.91 -7.81 -11.48
N ASP A 214 -16.80 -6.60 -12.00
CA ASP A 214 -17.74 -5.51 -11.73
C ASP A 214 -19.18 -5.85 -12.11
N SER A 215 -20.12 -5.56 -11.20
CA SER A 215 -21.54 -5.78 -11.46
C SER A 215 -22.38 -4.72 -10.76
N PRO A 216 -23.66 -4.62 -11.13
CA PRO A 216 -24.58 -3.70 -10.48
C PRO A 216 -25.33 -4.34 -9.29
N SER A 217 -24.90 -5.52 -8.85
CA SER A 217 -25.45 -6.13 -7.65
C SER A 217 -24.43 -7.01 -6.94
N HIS A 218 -24.42 -6.98 -5.61
CA HIS A 218 -23.47 -7.77 -4.85
CA HIS A 218 -23.49 -7.78 -4.82
C HIS A 218 -23.64 -9.26 -5.12
N THR A 219 -24.86 -9.68 -5.50
CA THR A 219 -25.11 -11.08 -5.80
C THR A 219 -24.47 -11.50 -7.12
N GLU A 220 -24.57 -10.63 -8.11
CA GLU A 220 -24.01 -10.92 -9.43
C GLU A 220 -22.49 -10.98 -9.37
N THR A 221 -21.89 -10.06 -8.62
CA THR A 221 -20.45 -10.08 -8.41
C THR A 221 -20.05 -11.40 -7.74
N HIS A 222 -20.78 -11.77 -6.69
CA HIS A 222 -20.54 -13.03 -5.98
CA HIS A 222 -20.54 -13.03 -5.98
C HIS A 222 -20.50 -14.20 -6.95
N ARG A 223 -21.49 -14.25 -7.84
CA ARG A 223 -21.58 -15.33 -8.82
C ARG A 223 -20.46 -15.26 -9.86
N ARG A 224 -19.93 -14.05 -10.08
CA ARG A 224 -18.88 -13.86 -11.08
C ARG A 224 -17.49 -14.24 -10.55
N ILE A 225 -17.22 -13.93 -9.29
CA ILE A 225 -15.95 -14.27 -8.67
C ILE A 225 -15.75 -15.78 -8.65
N VAL A 226 -16.72 -16.49 -8.10
CA VAL A 226 -16.60 -17.92 -7.87
C VAL A 226 -16.60 -18.76 -9.15
N ASN A 227 -17.18 -18.23 -10.22
CA ASN A 227 -17.12 -18.89 -11.52
C ASN A 227 -15.96 -18.37 -12.35
N VAL A 228 -15.18 -17.46 -11.75
CA VAL A 228 -14.08 -16.80 -12.43
C VAL A 228 -14.51 -16.39 -13.83
N ASP A 229 -15.61 -15.65 -13.90
CA ASP A 229 -16.17 -15.16 -15.15
C ASP A 229 -15.27 -14.10 -15.77
N LEU A 230 -14.21 -14.55 -16.43
CA LEU A 230 -13.19 -13.64 -16.92
C LEU A 230 -13.45 -13.21 -18.36
N LYS A 231 -13.76 -11.94 -18.53
CA LYS A 231 -14.03 -11.38 -19.86
C LYS A 231 -13.00 -10.31 -20.24
N PHE A 232 -12.03 -10.70 -21.07
CA PHE A 232 -10.93 -9.81 -21.45
C PHE A 232 -11.24 -8.94 -22.67
N PRO A 233 -11.20 -7.61 -22.50
CA PRO A 233 -11.41 -6.64 -23.58
C PRO A 233 -10.44 -6.85 -24.75
N PRO A 234 -10.79 -6.31 -25.93
CA PRO A 234 -10.06 -6.46 -27.18
C PRO A 234 -8.65 -5.89 -27.14
N PHE A 235 -8.45 -4.79 -26.41
CA PHE A 235 -7.17 -4.08 -26.42
C PHE A 235 -6.07 -4.74 -25.60
N LEU A 236 -6.44 -5.73 -24.79
CA LEU A 236 -5.47 -6.37 -23.89
C LEU A 236 -4.53 -7.30 -24.62
N SER A 237 -3.23 -7.15 -24.34
CA SER A 237 -2.20 -8.01 -24.89
C SER A 237 -2.33 -9.43 -24.36
N ASP A 238 -2.08 -10.41 -25.24
CA ASP A 238 -2.11 -11.82 -24.84
C ASP A 238 -1.13 -12.10 -23.71
N GLY A 239 -0.03 -11.36 -23.67
CA GLY A 239 0.94 -11.50 -22.61
C GLY A 239 0.31 -11.25 -21.25
N SER A 240 -0.34 -10.10 -21.13
CA SER A 240 -1.00 -9.71 -19.88
C SER A 240 -2.15 -10.64 -19.53
N LYS A 241 -3.02 -10.88 -20.51
CA LYS A 241 -4.14 -11.79 -20.31
C LYS A 241 -3.69 -13.06 -19.62
N ASP A 242 -2.57 -13.61 -20.07
CA ASP A 242 -2.04 -14.85 -19.53
C ASP A 242 -1.69 -14.76 -18.05
N LEU A 243 -0.85 -13.78 -17.70
CA LEU A 243 -0.48 -13.57 -16.30
C LEU A 243 -1.70 -13.45 -15.42
N ILE A 244 -2.66 -12.61 -15.84
CA ILE A 244 -3.90 -12.42 -15.11
C ILE A 244 -4.65 -13.74 -14.94
N SER A 245 -4.74 -14.51 -16.03
CA SER A 245 -5.48 -15.76 -16.02
C SER A 245 -4.89 -16.78 -15.05
N LYS A 246 -3.56 -16.83 -14.99
CA LYS A 246 -2.88 -17.76 -14.10
C LYS A 246 -3.01 -17.33 -12.65
N LEU A 247 -3.04 -16.03 -12.40
CA LEU A 247 -3.19 -15.52 -11.04
C LEU A 247 -4.61 -15.68 -10.53
N LEU A 248 -5.57 -15.47 -11.43
CA LEU A 248 -6.98 -15.53 -11.05
C LEU A 248 -7.57 -16.91 -11.31
N ARG A 249 -7.06 -17.91 -10.58
CA ARG A 249 -7.59 -19.25 -10.66
C ARG A 249 -8.34 -19.61 -9.39
N TYR A 250 -9.43 -20.36 -9.54
CA TYR A 250 -10.28 -20.74 -8.42
C TYR A 250 -9.50 -21.41 -7.28
N HIS A 251 -8.98 -22.62 -7.55
CA HIS A 251 -8.22 -23.36 -6.56
C HIS A 251 -6.95 -22.60 -6.19
N PRO A 252 -6.85 -22.15 -4.93
CA PRO A 252 -5.72 -21.35 -4.47
C PRO A 252 -4.33 -21.90 -4.83
N PRO A 253 -4.07 -23.20 -4.52
CA PRO A 253 -2.75 -23.78 -4.77
C PRO A 253 -2.34 -23.80 -6.24
N GLN A 254 -3.23 -23.35 -7.12
CA GLN A 254 -2.91 -23.30 -8.55
C GLN A 254 -2.49 -21.91 -8.99
N ARG A 255 -2.86 -20.90 -8.20
CA ARG A 255 -2.51 -19.53 -8.53
C ARG A 255 -1.00 -19.38 -8.62
N LEU A 256 -0.54 -18.75 -9.69
CA LEU A 256 0.89 -18.57 -9.95
C LEU A 256 1.59 -17.93 -8.76
N PRO A 257 2.64 -18.61 -8.24
CA PRO A 257 3.41 -18.09 -7.11
C PRO A 257 4.05 -16.77 -7.45
N LEU A 258 4.43 -16.00 -6.44
CA LEU A 258 5.05 -14.70 -6.64
C LEU A 258 6.29 -14.77 -7.53
N LYS A 259 7.09 -15.81 -7.34
CA LYS A 259 8.27 -16.05 -8.16
C LYS A 259 7.91 -16.12 -9.65
N GLY A 260 6.85 -16.86 -9.95
CA GLY A 260 6.40 -17.01 -11.34
C GLY A 260 5.90 -15.71 -11.94
N VAL A 261 5.48 -14.78 -11.09
CA VAL A 261 5.04 -13.47 -11.55
C VAL A 261 6.22 -12.67 -12.07
N MET A 262 7.23 -12.52 -11.23
CA MET A 262 8.41 -11.74 -11.58
C MET A 262 9.14 -12.32 -12.77
N GLU A 263 8.96 -13.63 -12.99
CA GLU A 263 9.61 -14.30 -14.12
C GLU A 263 8.69 -14.43 -15.33
N HIS A 264 7.44 -14.01 -15.19
CA HIS A 264 6.49 -14.12 -16.29
C HIS A 264 7.00 -13.32 -17.49
N PRO A 265 6.94 -13.92 -18.69
CA PRO A 265 7.39 -13.33 -19.94
C PRO A 265 6.94 -11.88 -20.13
N TRP A 266 5.67 -11.60 -19.83
CA TRP A 266 5.10 -10.27 -20.00
C TRP A 266 5.65 -9.28 -18.98
N VAL A 267 5.92 -9.77 -17.77
CA VAL A 267 6.51 -8.95 -16.72
C VAL A 267 7.95 -8.60 -17.09
N LYS A 268 8.73 -9.63 -17.41
CA LYS A 268 10.12 -9.45 -17.84
C LYS A 268 10.20 -8.51 -19.03
N ALA A 269 9.28 -8.67 -19.97
CA ALA A 269 9.31 -7.88 -21.20
C ALA A 269 8.85 -6.44 -21.02
N ASN A 270 8.23 -6.11 -19.89
CA ASN A 270 7.65 -4.77 -19.72
C ASN A 270 8.08 -4.01 -18.47
N SER A 271 8.52 -4.73 -17.45
CA SER A 271 8.90 -4.09 -16.18
C SER A 271 10.10 -3.15 -16.35
N ARG A 272 10.01 -1.99 -15.72
CA ARG A 272 11.07 -0.98 -15.80
C ARG A 272 11.37 -0.37 -14.43
N ARG A 273 11.68 -1.22 -13.45
CA ARG A 273 11.84 -0.73 -12.07
C ARG A 273 13.20 -0.10 -11.78
N VAL A 274 13.18 0.94 -10.96
CA VAL A 274 14.39 1.67 -10.58
C VAL A 274 15.04 1.05 -9.35
N LEU A 275 16.22 0.45 -9.55
CA LEU A 275 16.96 -0.17 -8.46
C LEU A 275 18.45 -0.23 -8.75
N PRO B 1 -0.12 29.97 7.87
CA PRO B 1 0.11 29.71 6.46
C PRO B 1 1.14 28.60 6.24
N ILE B 2 1.26 28.14 5.00
CA ILE B 2 2.21 27.08 4.66
C ILE B 2 3.65 27.61 4.67
N PRO B 3 4.55 26.93 5.41
CA PRO B 3 5.97 27.26 5.43
C PRO B 3 6.60 27.19 4.04
N ALA B 4 7.79 27.76 3.89
CA ALA B 4 8.47 27.79 2.61
C ALA B 4 9.12 26.45 2.27
N TRP B 5 9.66 25.77 3.27
CA TRP B 5 10.27 24.47 3.06
C TRP B 5 9.25 23.45 2.57
N ALA B 6 7.98 23.75 2.79
CA ALA B 6 6.89 22.89 2.37
C ALA B 6 6.31 23.34 1.02
N SER B 7 6.90 24.38 0.43
CA SER B 7 6.43 24.89 -0.86
C SER B 7 7.14 24.19 -2.01
N GLY B 8 6.36 23.82 -3.03
CA GLY B 8 6.85 23.06 -4.17
C GLY B 8 8.35 23.09 -4.42
N ASN B 9 8.85 24.25 -4.86
CA ASN B 9 10.22 24.36 -5.37
C ASN B 9 11.30 23.83 -4.43
N LEU B 10 11.49 24.52 -3.31
CA LEU B 10 12.50 24.11 -2.32
C LEU B 10 12.08 22.85 -1.56
N LEU B 11 10.86 22.39 -1.81
CA LEU B 11 10.39 21.12 -1.29
C LEU B 11 10.87 19.98 -2.19
N THR B 12 10.86 20.23 -3.50
CA THR B 12 11.31 19.23 -4.46
C THR B 12 12.81 18.97 -4.34
N GLN B 13 13.57 20.03 -4.06
CA GLN B 13 15.01 19.90 -3.90
C GLN B 13 15.35 19.14 -2.62
N ALA B 14 14.46 19.21 -1.65
CA ALA B 14 14.65 18.55 -0.36
C ALA B 14 14.34 17.06 -0.45
N ILE B 15 13.43 16.68 -1.34
CA ILE B 15 13.08 15.28 -1.55
C ILE B 15 14.19 14.57 -2.31
N ARG B 16 14.71 15.23 -3.34
CA ARG B 16 15.81 14.70 -4.13
C ARG B 16 16.95 14.23 -3.22
N GLN B 17 17.23 15.01 -2.19
CA GLN B 17 18.33 14.73 -1.29
C GLN B 17 18.10 13.49 -0.44
N GLN B 18 16.87 13.34 0.07
CA GLN B 18 16.52 12.21 0.92
C GLN B 18 16.38 10.93 0.10
N TYR B 19 16.22 11.11 -1.21
CA TYR B 19 16.13 9.99 -2.13
C TYR B 19 17.51 9.50 -2.54
N TYR B 20 18.26 10.38 -3.21
CA TYR B 20 19.57 10.04 -3.76
C TYR B 20 20.63 9.81 -2.69
N LYS B 21 20.62 10.64 -1.65
CA LYS B 21 21.54 10.47 -0.55
C LYS B 21 20.78 10.27 0.76
N PRO B 22 20.23 9.06 0.95
CA PRO B 22 19.28 8.79 2.04
C PRO B 22 19.95 8.75 3.41
N ILE B 23 19.43 9.54 4.34
CA ILE B 23 19.93 9.57 5.70
C ILE B 23 19.66 8.21 6.37
N ASP B 24 20.51 7.83 7.31
CA ASP B 24 20.35 6.56 8.01
C ASP B 24 19.11 6.57 8.91
N VAL B 25 18.05 5.94 8.42
CA VAL B 25 16.75 5.96 9.08
C VAL B 25 16.77 5.29 10.45
N ASP B 26 17.01 3.99 10.46
CA ASP B 26 16.92 3.18 11.67
C ASP B 26 18.09 3.39 12.62
N ARG B 27 18.95 4.37 12.30
CA ARG B 27 20.01 4.78 13.21
C ARG B 27 19.55 5.98 14.03
N MET B 28 19.11 7.04 13.35
CA MET B 28 18.59 8.22 14.03
C MET B 28 17.32 7.90 14.82
N TYR B 29 16.40 7.19 14.18
CA TYR B 29 15.16 6.79 14.83
C TYR B 29 15.23 5.30 15.20
N GLY B 30 16.13 4.99 16.13
CA GLY B 30 16.46 3.61 16.47
C GLY B 30 15.36 2.81 17.14
N THR B 31 15.33 2.86 18.48
CA THR B 31 14.39 2.09 19.27
C THR B 31 12.98 1.99 18.64
N ILE B 32 12.74 0.90 17.93
CA ILE B 32 11.48 0.71 17.19
C ILE B 32 10.24 0.72 18.09
N ASP B 33 10.01 -0.37 18.81
CA ASP B 33 8.91 -0.41 19.79
C ASP B 33 9.32 0.31 21.07
N SER B 34 9.36 1.64 21.00
CA SER B 34 9.75 2.44 22.17
C SER B 34 8.56 2.92 23.01
N PRO B 35 7.53 3.49 22.35
CA PRO B 35 6.36 4.02 23.07
C PRO B 35 5.45 2.94 23.65
N LYS B 36 5.97 2.23 24.65
CA LYS B 36 5.23 1.24 25.47
C LYS B 36 4.38 0.18 24.74
N LEU B 37 3.76 -0.69 25.53
CA LEU B 37 3.03 -1.85 25.01
C LEU B 37 1.67 -1.45 24.44
N GLU B 38 0.61 -1.99 25.03
CA GLU B 38 -0.75 -1.67 24.58
C GLU B 38 -1.39 -0.63 25.49
N GLU B 39 -0.63 -0.17 26.48
CA GLU B 39 -1.05 0.93 27.33
C GLU B 39 -0.85 2.24 26.60
N LEU B 40 -1.58 2.39 25.50
CA LEU B 40 -1.41 3.54 24.61
C LEU B 40 -2.77 4.24 24.41
N PHE B 41 -3.82 3.62 24.92
CA PHE B 41 -5.17 4.15 24.79
C PHE B 41 -5.66 4.85 26.07
N ASN B 42 -4.74 5.11 27.00
CA ASN B 42 -5.07 5.83 28.23
C ASN B 42 -3.83 6.20 29.04
#